data_6J4T
#
_entry.id   6J4T
#
_cell.length_a   50.630
_cell.length_b   81.921
_cell.length_c   87.150
_cell.angle_alpha   90.00
_cell.angle_beta   90.00
_cell.angle_gamma   90.00
#
_symmetry.space_group_name_H-M   'P 21 21 21'
#
loop_
_entity.id
_entity.type
_entity.pdbx_description
1 polymer 'Adenosine/AMP deaminase family protein'
2 non-polymer 'INOSINIC ACID'
3 non-polymer 'ZINC ION'
4 water water
#
_entity_poly.entity_id   1
_entity_poly.type   'polypeptide(L)'
_entity_poly.pdbx_seq_one_letter_code
;MEWIQSLPKIELHAHLNGSIRDSTLLELARVLGEKGVIVFADVEHVIQKNDRSLVEVFKLFDLIHKLTTDHKTVTRITRE
VVEDFALENVVYLELRTTPKRSDSIGMSKRSYMEAVIQGLRSVSEVDIDFVTASDSQKLHNAGDGIGRKKIYVRLLLSID
RRETTESAMETVKLALEMRDVGVVGIDLSGNPLVGEWSTFLPALQYAKDNDLHITLHCGEVPNPKEIQAMLDFKPHRIGH
ACFFKDEDWTKLKSFRIPVEICLTSNIVTKSISSIDIHHFADLYNAKHPLILCTNDFGVFSTSLSNEYALAVRSLGLSKS
ETFALARAAIDATFAEDEVKQQLRFIFDSASPEHV
;
_entity_poly.pdbx_strand_id   A
#
# COMPACT_ATOMS: atom_id res chain seq x y z
N MET A 1 -21.54 4.32 -9.21
CA MET A 1 -22.83 4.24 -8.49
C MET A 1 -22.83 2.94 -7.66
N GLU A 2 -22.87 1.79 -8.34
CA GLU A 2 -22.95 0.45 -7.72
C GLU A 2 -22.05 -0.52 -8.49
N TRP A 3 -22.08 -0.45 -9.83
CA TRP A 3 -21.15 -1.17 -10.74
C TRP A 3 -19.69 -0.97 -10.27
N ILE A 4 -19.34 0.14 -9.63
CA ILE A 4 -17.93 0.39 -9.16
C ILE A 4 -17.52 -0.66 -8.13
N GLN A 5 -18.45 -1.04 -7.26
CA GLN A 5 -18.23 -2.08 -6.23
C GLN A 5 -17.98 -3.42 -6.95
N SER A 6 -18.67 -3.73 -8.06
CA SER A 6 -18.52 -5.03 -8.78
C SER A 6 -17.39 -5.00 -9.82
N LEU A 7 -16.90 -3.82 -10.20
CA LEU A 7 -15.69 -3.68 -11.06
C LEU A 7 -14.54 -4.50 -10.47
N PRO A 8 -13.87 -5.36 -11.25
CA PRO A 8 -12.64 -6.03 -10.83
C PRO A 8 -11.53 -4.98 -10.66
N LYS A 9 -10.83 -5.03 -9.54
CA LYS A 9 -9.87 -3.96 -9.19
C LYS A 9 -8.52 -4.54 -8.78
N ILE A 10 -7.50 -3.74 -9.06
CA ILE A 10 -6.10 -4.08 -8.66
C ILE A 10 -5.67 -3.09 -7.60
N GLU A 11 -5.23 -3.59 -6.44
CA GLU A 11 -4.74 -2.73 -5.34
C GLU A 11 -3.22 -2.85 -5.27
N LEU A 12 -2.49 -1.75 -5.48
CA LEU A 12 -1.00 -1.78 -5.45
C LEU A 12 -0.42 -0.99 -4.28
N HIS A 13 -1.23 -0.34 -3.45
CA HIS A 13 -0.68 0.45 -2.32
C HIS A 13 -1.68 0.39 -1.16
N ALA A 14 -1.53 -0.66 -0.37
CA ALA A 14 -2.26 -0.90 0.90
C ALA A 14 -1.26 -1.35 1.95
N HIS A 15 -1.08 -0.53 2.96
CA HIS A 15 -0.25 -0.87 4.17
C HIS A 15 -1.09 -1.70 5.14
N LEU A 16 -0.59 -2.89 5.50
CA LEU A 16 -1.32 -3.85 6.36
C LEU A 16 -1.83 -3.12 7.61
N ASN A 17 -0.95 -2.43 8.35
CA ASN A 17 -1.33 -1.89 9.68
C ASN A 17 -2.10 -0.56 9.52
N GLY A 18 -2.36 -0.12 8.29
CA GLY A 18 -3.25 1.01 7.97
C GLY A 18 -4.57 0.57 7.40
N SER A 19 -4.81 -0.74 7.34
CA SER A 19 -5.95 -1.37 6.63
C SER A 19 -6.84 -2.13 7.63
N ILE A 20 -6.69 -1.83 8.92
CA ILE A 20 -7.38 -2.60 10.02
C ILE A 20 -8.83 -2.11 10.17
N ARG A 21 -9.74 -3.05 10.40
CA ARG A 21 -11.15 -2.75 10.73
C ARG A 21 -11.19 -1.94 12.03
N ASP A 22 -11.95 -0.86 12.08
CA ASP A 22 -12.23 -0.05 13.31
C ASP A 22 -12.55 -0.98 14.49
N SER A 23 -13.45 -1.93 14.27
CA SER A 23 -13.95 -2.87 15.31
C SER A 23 -12.78 -3.74 15.80
N THR A 24 -11.87 -4.18 14.91
CA THR A 24 -10.71 -5.01 15.32
C THR A 24 -9.77 -4.14 16.15
N LEU A 25 -9.45 -2.95 15.67
CA LEU A 25 -8.56 -2.02 16.41
C LEU A 25 -9.05 -1.83 17.85
N LEU A 26 -10.34 -1.56 18.02
CA LEU A 26 -10.93 -1.21 19.34
C LEU A 26 -11.03 -2.47 20.21
N GLU A 27 -11.35 -3.62 19.62
CA GLU A 27 -11.33 -4.92 20.35
C GLU A 27 -9.90 -5.15 20.88
N LEU A 28 -8.87 -4.95 20.05
CA LEU A 28 -7.46 -5.13 20.50
C LEU A 28 -7.13 -4.13 21.62
N ALA A 29 -7.62 -2.89 21.49
CA ALA A 29 -7.43 -1.80 22.48
C ALA A 29 -8.09 -2.22 23.82
N ARG A 30 -9.34 -2.66 23.76
CA ARG A 30 -10.17 -3.04 24.93
C ARG A 30 -9.49 -4.19 25.70
N VAL A 31 -8.84 -5.14 25.01
CA VAL A 31 -8.21 -6.33 25.65
C VAL A 31 -6.93 -5.89 26.37
N LEU A 32 -6.14 -5.01 25.76
CA LEU A 32 -4.90 -4.46 26.35
C LEU A 32 -5.26 -3.46 27.46
N GLY A 33 -6.39 -2.76 27.32
CA GLY A 33 -6.97 -1.90 28.37
C GLY A 33 -7.36 -2.71 29.60
N GLU A 34 -8.11 -3.80 29.38
CA GLU A 34 -8.57 -4.75 30.43
C GLU A 34 -7.38 -5.56 30.96
N LYS A 35 -6.33 -5.73 30.17
CA LYS A 35 -5.05 -6.33 30.66
C LYS A 35 -4.26 -5.25 31.43
N GLY A 36 -4.63 -3.98 31.32
CA GLY A 36 -4.03 -2.86 32.07
C GLY A 36 -2.68 -2.42 31.49
N VAL A 37 -2.39 -2.74 30.23
CA VAL A 37 -1.09 -2.45 29.54
C VAL A 37 -1.17 -1.05 28.91
N ILE A 38 -2.38 -0.56 28.65
CA ILE A 38 -2.67 0.84 28.20
C ILE A 38 -3.93 1.30 28.93
N VAL A 39 -4.41 2.50 28.60
CA VAL A 39 -5.60 3.16 29.21
C VAL A 39 -6.63 3.38 28.10
N PHE A 40 -7.60 2.46 27.99
CA PHE A 40 -8.51 2.32 26.82
C PHE A 40 -9.04 3.70 26.39
N ALA A 41 -9.48 4.52 27.35
CA ALA A 41 -10.18 5.79 27.05
C ALA A 41 -9.28 6.71 26.23
N ASP A 42 -8.00 6.82 26.63
CA ASP A 42 -6.96 7.66 25.97
C ASP A 42 -6.77 7.16 24.52
N VAL A 43 -6.54 5.87 24.35
CA VAL A 43 -6.28 5.19 23.04
C VAL A 43 -7.50 5.37 22.14
N GLU A 44 -8.69 5.11 22.69
CA GLU A 44 -9.99 5.34 22.02
C GLU A 44 -10.08 6.80 21.55
N HIS A 45 -9.65 7.73 22.40
CA HIS A 45 -9.68 9.19 22.12
C HIS A 45 -8.86 9.48 20.84
N VAL A 46 -7.61 9.01 20.79
CA VAL A 46 -6.61 9.30 19.70
C VAL A 46 -7.06 8.64 18.38
N ILE A 47 -7.58 7.41 18.42
CA ILE A 47 -8.19 6.73 17.23
C ILE A 47 -9.34 7.61 16.72
N GLN A 48 -10.07 8.25 17.63
CA GLN A 48 -11.24 9.12 17.34
C GLN A 48 -10.78 10.49 16.79
N LYS A 49 -9.81 11.15 17.46
CA LYS A 49 -9.62 12.63 17.38
C LYS A 49 -8.38 13.04 16.56
N ASN A 50 -7.32 12.22 16.56
CA ASN A 50 -6.12 12.43 15.69
C ASN A 50 -6.62 12.92 14.31
N ASP A 51 -6.18 14.09 13.82
CA ASP A 51 -6.82 14.71 12.62
C ASP A 51 -6.31 14.08 11.32
N ARG A 52 -5.28 13.22 11.40
CA ARG A 52 -4.74 12.45 10.24
C ARG A 52 -4.13 13.45 9.24
N SER A 53 -3.63 14.58 9.73
CA SER A 53 -2.64 15.44 9.04
C SER A 53 -1.34 14.62 8.95
N LEU A 54 -0.48 14.91 7.99
CA LEU A 54 0.76 14.09 7.80
C LEU A 54 1.53 14.00 9.12
N VAL A 55 1.60 15.07 9.93
CA VAL A 55 2.32 15.03 11.23
C VAL A 55 1.62 14.07 12.21
N GLU A 56 0.30 14.14 12.31
CA GLU A 56 -0.46 13.37 13.33
C GLU A 56 -0.46 11.89 12.96
N VAL A 57 -0.58 11.60 11.66
CA VAL A 57 -0.71 10.21 11.11
C VAL A 57 0.41 9.32 11.69
N PHE A 58 1.65 9.80 11.73
CA PHE A 58 2.80 8.97 12.17
C PHE A 58 2.70 8.71 13.67
N LYS A 59 2.13 9.65 14.43
CA LYS A 59 1.76 9.40 15.85
C LYS A 59 0.71 8.27 15.95
N LEU A 60 -0.30 8.28 15.08
CA LEU A 60 -1.38 7.27 15.09
C LEU A 60 -0.80 5.90 14.77
N PHE A 61 0.19 5.82 13.87
CA PHE A 61 0.88 4.54 13.55
C PHE A 61 1.62 4.04 14.79
N ASP A 62 2.35 4.91 15.50
CA ASP A 62 3.05 4.51 16.75
C ASP A 62 2.03 3.83 17.67
N LEU A 63 0.84 4.42 17.81
CA LEU A 63 -0.25 3.86 18.66
C LEU A 63 -0.68 2.48 18.12
N ILE A 64 -1.01 2.41 16.82
CA ILE A 64 -1.48 1.13 16.21
C ILE A 64 -0.46 0.04 16.50
N HIS A 65 0.81 0.32 16.24
CA HIS A 65 1.90 -0.68 16.41
C HIS A 65 1.96 -1.17 17.86
N LYS A 66 1.64 -0.33 18.85
CA LYS A 66 1.55 -0.77 20.28
C LYS A 66 0.40 -1.77 20.45
N LEU A 67 -0.64 -1.67 19.63
CA LEU A 67 -1.80 -2.59 19.67
C LEU A 67 -1.61 -3.87 18.88
N THR A 68 -0.79 -3.89 17.82
CA THR A 68 -0.89 -4.92 16.76
C THR A 68 0.39 -5.74 16.61
N THR A 69 1.48 -5.42 17.33
CA THR A 69 2.78 -6.08 17.10
C THR A 69 2.88 -7.33 17.99
N ASP A 70 2.14 -8.38 17.62
CA ASP A 70 2.12 -9.71 18.26
C ASP A 70 1.82 -10.71 17.14
N HIS A 71 2.43 -11.90 17.13
CA HIS A 71 2.28 -12.88 16.02
C HIS A 71 0.79 -13.17 15.74
N LYS A 72 -0.01 -13.49 16.79
CA LYS A 72 -1.43 -13.86 16.55
C LYS A 72 -2.18 -12.69 15.90
N THR A 73 -1.82 -11.45 16.20
CA THR A 73 -2.57 -10.27 15.70
C THR A 73 -2.19 -9.99 14.24
N VAL A 74 -0.91 -10.10 13.93
CA VAL A 74 -0.39 -10.03 12.54
C VAL A 74 -1.15 -11.05 11.67
N THR A 75 -1.28 -12.30 12.11
CA THR A 75 -2.04 -13.33 11.34
C THR A 75 -3.50 -12.87 11.12
N ARG A 76 -4.15 -12.43 12.17
CA ARG A 76 -5.55 -11.97 12.19
C ARG A 76 -5.77 -10.80 11.22
N ILE A 77 -5.00 -9.74 11.34
CA ILE A 77 -5.26 -8.57 10.46
C ILE A 77 -4.91 -8.87 9.02
N THR A 78 -3.91 -9.72 8.77
CA THR A 78 -3.57 -10.15 7.39
C THR A 78 -4.83 -10.79 6.80
N ARG A 79 -5.40 -11.78 7.49
CA ARG A 79 -6.62 -12.46 7.02
C ARG A 79 -7.76 -11.47 6.78
N GLU A 80 -7.99 -10.55 7.69
CA GLU A 80 -9.17 -9.64 7.61
C GLU A 80 -8.98 -8.65 6.44
N VAL A 81 -7.76 -8.15 6.26
CA VAL A 81 -7.47 -7.20 5.14
C VAL A 81 -7.72 -7.88 3.79
N VAL A 82 -7.23 -9.11 3.64
CA VAL A 82 -7.44 -9.86 2.36
C VAL A 82 -8.95 -10.08 2.17
N GLU A 83 -9.67 -10.53 3.18
CA GLU A 83 -11.14 -10.76 3.04
C GLU A 83 -11.82 -9.45 2.62
N ASP A 84 -11.48 -8.36 3.31
CA ASP A 84 -12.13 -7.05 3.03
C ASP A 84 -11.87 -6.63 1.58
N PHE A 85 -10.65 -6.73 1.06
CA PHE A 85 -10.39 -6.34 -0.34
C PHE A 85 -11.12 -7.29 -1.28
N ALA A 86 -11.10 -8.61 -1.01
CA ALA A 86 -11.69 -9.62 -1.94
C ALA A 86 -13.19 -9.34 -2.04
N LEU A 87 -13.81 -8.97 -0.92
CA LEU A 87 -15.28 -8.78 -0.81
C LEU A 87 -15.71 -7.57 -1.64
N GLU A 88 -14.83 -6.59 -1.89
CA GLU A 88 -15.14 -5.50 -2.83
C GLU A 88 -14.49 -5.76 -4.19
N ASN A 89 -14.22 -7.02 -4.54
CA ASN A 89 -13.85 -7.46 -5.92
C ASN A 89 -12.48 -6.88 -6.30
N VAL A 90 -11.60 -6.74 -5.32
CA VAL A 90 -10.15 -6.70 -5.64
C VAL A 90 -9.71 -8.09 -6.05
N VAL A 91 -9.15 -8.23 -7.26
CA VAL A 91 -8.74 -9.56 -7.82
C VAL A 91 -7.23 -9.74 -7.75
N TYR A 92 -6.48 -8.64 -7.49
CA TYR A 92 -5.01 -8.70 -7.32
C TYR A 92 -4.64 -7.65 -6.29
N LEU A 93 -3.94 -8.09 -5.25
CA LEU A 93 -3.54 -7.22 -4.13
C LEU A 93 -2.03 -7.40 -3.90
N GLU A 94 -1.34 -6.28 -3.98
CA GLU A 94 0.00 -6.18 -3.37
C GLU A 94 -0.22 -5.56 -2.01
N LEU A 95 0.08 -6.36 -0.99
CA LEU A 95 -0.02 -5.96 0.42
C LEU A 95 1.39 -5.64 0.90
N ARG A 96 1.57 -4.44 1.36
CA ARG A 96 2.91 -4.02 1.90
C ARG A 96 2.84 -3.95 3.42
N THR A 97 3.98 -4.25 4.03
CA THR A 97 4.08 -4.22 5.50
C THR A 97 5.55 -4.13 5.87
N THR A 98 5.78 -3.36 6.92
CA THR A 98 7.08 -3.23 7.56
C THR A 98 7.30 -4.38 8.54
N PRO A 99 8.28 -5.28 8.28
CA PRO A 99 8.55 -6.38 9.19
C PRO A 99 9.10 -5.76 10.50
N LYS A 100 8.67 -6.27 11.65
CA LYS A 100 9.03 -5.67 12.97
C LYS A 100 9.89 -6.61 13.78
N ARG A 101 10.79 -6.04 14.61
CA ARG A 101 11.47 -6.77 15.70
C ARG A 101 10.86 -6.37 17.05
N SER A 102 10.59 -7.32 17.95
CA SER A 102 10.13 -7.06 19.34
C SER A 102 10.71 -8.17 20.23
N ASP A 103 11.85 -7.88 20.86
CA ASP A 103 12.66 -8.92 21.57
C ASP A 103 11.83 -9.54 22.68
N SER A 104 11.03 -8.73 23.38
CA SER A 104 10.23 -9.12 24.58
C SER A 104 9.33 -10.31 24.25
N ILE A 105 8.96 -10.49 22.97
CA ILE A 105 8.05 -11.58 22.53
C ILE A 105 8.76 -12.54 21.58
N GLY A 106 10.08 -12.40 21.41
CA GLY A 106 10.87 -13.19 20.45
C GLY A 106 10.34 -13.00 19.05
N MET A 107 9.91 -11.78 18.71
CA MET A 107 9.51 -11.46 17.32
C MET A 107 10.74 -10.92 16.59
N SER A 108 11.02 -11.51 15.43
CA SER A 108 12.05 -11.06 14.47
C SER A 108 11.35 -10.58 13.19
N LYS A 109 12.10 -9.91 12.30
CA LYS A 109 11.50 -9.54 10.99
C LYS A 109 10.98 -10.81 10.31
N ARG A 110 11.73 -11.92 10.38
CA ARG A 110 11.34 -13.19 9.74
C ARG A 110 10.06 -13.75 10.38
N SER A 111 9.97 -13.78 11.71
CA SER A 111 8.83 -14.40 12.43
C SER A 111 7.61 -13.50 12.25
N TYR A 112 7.79 -12.19 12.11
CA TYR A 112 6.67 -11.28 11.77
C TYR A 112 6.11 -11.70 10.42
N MET A 113 6.98 -11.86 9.43
CA MET A 113 6.50 -12.20 8.05
C MET A 113 5.96 -13.62 8.03
N GLU A 114 6.50 -14.54 8.82
CA GLU A 114 5.89 -15.90 8.95
C GLU A 114 4.43 -15.76 9.48
N ALA A 115 4.18 -14.84 10.40
CA ALA A 115 2.79 -14.60 10.88
C ALA A 115 1.90 -14.07 9.75
N VAL A 116 2.46 -13.23 8.89
CA VAL A 116 1.70 -12.77 7.68
C VAL A 116 1.34 -13.99 6.83
N ILE A 117 2.31 -14.86 6.55
CA ILE A 117 2.07 -16.03 5.67
C ILE A 117 1.01 -16.89 6.34
N GLN A 118 1.06 -17.04 7.67
CA GLN A 118 0.02 -17.85 8.39
C GLN A 118 -1.35 -17.19 8.20
N GLY A 119 -1.41 -15.86 8.22
CA GLY A 119 -2.66 -15.15 7.88
C GLY A 119 -3.16 -15.52 6.50
N LEU A 120 -2.28 -15.53 5.52
CA LEU A 120 -2.71 -15.84 4.14
C LEU A 120 -3.21 -17.29 4.10
N ARG A 121 -2.54 -18.20 4.79
CA ARG A 121 -2.95 -19.63 4.84
C ARG A 121 -4.32 -19.78 5.52
N SER A 122 -4.67 -18.87 6.42
CA SER A 122 -5.93 -18.89 7.19
C SER A 122 -7.12 -18.33 6.40
N VAL A 123 -6.91 -17.65 5.28
CA VAL A 123 -8.03 -17.10 4.46
C VAL A 123 -8.93 -18.24 3.98
N SER A 124 -10.21 -18.10 4.24
CA SER A 124 -11.23 -19.17 4.10
C SER A 124 -12.47 -18.66 3.36
N GLU A 125 -12.88 -17.40 3.56
CA GLU A 125 -14.15 -16.84 3.01
C GLU A 125 -14.03 -16.62 1.49
N VAL A 126 -12.80 -16.61 0.96
CA VAL A 126 -12.47 -16.41 -0.47
C VAL A 126 -11.32 -17.36 -0.84
N ASP A 127 -11.21 -17.70 -2.12
CA ASP A 127 -10.09 -18.48 -2.70
C ASP A 127 -8.91 -17.51 -2.84
N ILE A 128 -7.73 -17.95 -2.46
CA ILE A 128 -6.49 -17.12 -2.47
C ILE A 128 -5.42 -17.86 -3.26
N ASP A 129 -4.70 -17.15 -4.13
CA ASP A 129 -3.39 -17.59 -4.66
C ASP A 129 -2.34 -16.61 -4.13
N PHE A 130 -1.40 -17.04 -3.30
CA PHE A 130 -0.39 -16.09 -2.74
C PHE A 130 1.02 -16.46 -3.16
N VAL A 131 1.19 -17.63 -3.80
CA VAL A 131 2.39 -17.97 -4.61
C VAL A 131 2.01 -19.00 -5.68
N THR A 132 2.72 -19.02 -6.82
CA THR A 132 2.35 -19.82 -8.03
C THR A 132 2.66 -21.30 -7.80
N ARG A 148 -18.12 -17.61 -5.36
CA ARG A 148 -16.99 -17.60 -4.40
C ARG A 148 -15.81 -16.79 -4.98
N LYS A 149 -15.39 -15.74 -4.27
CA LYS A 149 -14.40 -14.75 -4.78
C LYS A 149 -13.02 -15.37 -4.83
N LYS A 150 -12.22 -14.98 -5.82
CA LYS A 150 -10.78 -15.38 -5.88
C LYS A 150 -9.93 -14.12 -5.88
N ILE A 151 -8.90 -14.13 -5.05
CA ILE A 151 -7.92 -13.00 -5.02
C ILE A 151 -6.51 -13.56 -5.12
N TYR A 152 -5.69 -12.89 -5.92
CA TYR A 152 -4.23 -13.09 -5.99
C TYR A 152 -3.59 -12.12 -4.99
N VAL A 153 -2.74 -12.63 -4.14
CA VAL A 153 -2.03 -11.74 -3.18
C VAL A 153 -0.53 -11.92 -3.36
N ARG A 154 0.20 -10.80 -3.45
CA ARG A 154 1.66 -10.78 -3.44
C ARG A 154 2.06 -9.75 -2.40
N LEU A 155 3.26 -9.90 -1.88
CA LEU A 155 3.77 -9.13 -0.72
C LEU A 155 4.88 -8.18 -1.16
N LEU A 156 4.89 -7.00 -0.54
CA LEU A 156 6.00 -6.04 -0.55
C LEU A 156 6.50 -5.84 0.88
N LEU A 157 7.80 -5.96 1.11
CA LEU A 157 8.31 -5.65 2.46
C LEU A 157 8.66 -4.17 2.47
N SER A 158 8.20 -3.44 3.48
CA SER A 158 8.46 -1.98 3.59
C SER A 158 9.75 -1.79 4.41
N ILE A 159 10.53 -0.84 3.98
CA ILE A 159 11.64 -0.22 4.75
C ILE A 159 11.09 1.10 5.27
N ASP A 160 11.20 1.32 6.58
CA ASP A 160 10.69 2.54 7.24
C ASP A 160 11.85 3.55 7.26
N ARG A 161 11.57 4.80 6.93
CA ARG A 161 12.62 5.87 6.86
C ARG A 161 13.35 6.05 8.20
N ARG A 162 12.85 5.46 9.31
CA ARG A 162 13.59 5.50 10.62
C ARG A 162 14.75 4.51 10.65
N GLU A 163 14.85 3.61 9.68
CA GLU A 163 15.78 2.46 9.73
C GLU A 163 17.20 2.89 9.31
N THR A 164 18.17 2.08 9.68
CA THR A 164 19.60 2.20 9.26
C THR A 164 19.79 1.48 7.93
N THR A 165 20.91 1.71 7.26
CA THR A 165 21.27 0.94 6.05
C THR A 165 21.25 -0.56 6.37
N GLU A 166 21.93 -1.00 7.42
CA GLU A 166 22.04 -2.46 7.67
C GLU A 166 20.64 -3.04 7.97
N SER A 167 19.78 -2.29 8.64
N SER A 167 19.77 -2.29 8.64
CA SER A 167 18.42 -2.81 8.97
CA SER A 167 18.42 -2.81 8.99
C SER A 167 17.65 -2.96 7.65
C SER A 167 17.59 -2.92 7.68
N ALA A 168 17.70 -1.94 6.77
CA ALA A 168 17.10 -2.03 5.42
C ALA A 168 17.65 -3.25 4.65
N MET A 169 18.94 -3.55 4.77
CA MET A 169 19.57 -4.71 4.10
C MET A 169 18.98 -6.02 4.63
N GLU A 170 18.72 -6.11 5.93
N GLU A 170 18.70 -6.10 5.94
CA GLU A 170 18.08 -7.32 6.55
CA GLU A 170 18.07 -7.30 6.58
C GLU A 170 16.72 -7.55 5.89
C GLU A 170 16.72 -7.55 5.90
N THR A 171 15.96 -6.47 5.70
CA THR A 171 14.61 -6.53 5.06
C THR A 171 14.77 -7.03 3.63
N VAL A 172 15.70 -6.44 2.87
CA VAL A 172 15.97 -6.89 1.48
C VAL A 172 16.37 -8.37 1.48
N LYS A 173 17.28 -8.81 2.34
CA LYS A 173 17.69 -10.24 2.41
C LYS A 173 16.49 -11.15 2.72
N LEU A 174 15.65 -10.71 3.64
CA LEU A 174 14.41 -11.46 3.99
C LEU A 174 13.46 -11.52 2.80
N ALA A 175 13.28 -10.40 2.09
CA ALA A 175 12.47 -10.39 0.86
C ALA A 175 12.99 -11.44 -0.11
N LEU A 176 14.30 -11.51 -0.33
CA LEU A 176 14.88 -12.49 -1.28
C LEU A 176 14.59 -13.92 -0.82
N GLU A 177 14.73 -14.19 0.45
CA GLU A 177 14.46 -15.55 1.01
C GLU A 177 12.97 -15.92 0.86
N MET A 178 12.06 -14.95 0.83
CA MET A 178 10.60 -15.20 0.90
C MET A 178 9.97 -15.07 -0.48
N ARG A 179 10.78 -15.11 -1.52
CA ARG A 179 10.24 -15.11 -2.90
C ARG A 179 9.40 -16.38 -3.08
N ASP A 180 9.72 -17.47 -2.36
CA ASP A 180 8.93 -18.72 -2.40
C ASP A 180 7.51 -18.62 -1.81
N VAL A 181 7.13 -17.54 -1.12
CA VAL A 181 5.75 -17.36 -0.53
C VAL A 181 5.17 -16.01 -1.00
N GLY A 182 5.62 -15.52 -2.13
CA GLY A 182 4.92 -14.45 -2.84
C GLY A 182 5.52 -13.09 -2.65
N VAL A 183 6.71 -12.98 -2.02
CA VAL A 183 7.29 -11.62 -1.92
C VAL A 183 7.84 -11.24 -3.27
N VAL A 184 7.46 -10.05 -3.79
CA VAL A 184 7.79 -9.64 -5.17
C VAL A 184 8.48 -8.27 -5.17
N GLY A 185 8.62 -7.61 -4.03
CA GLY A 185 9.19 -6.24 -4.06
C GLY A 185 9.41 -5.62 -2.68
N ILE A 186 9.88 -4.37 -2.70
CA ILE A 186 10.34 -3.59 -1.53
C ILE A 186 9.70 -2.22 -1.70
N ASP A 187 9.28 -1.61 -0.62
CA ASP A 187 8.78 -0.21 -0.58
C ASP A 187 9.72 0.56 0.33
N LEU A 188 9.84 1.85 0.08
CA LEU A 188 10.41 2.77 1.08
C LEU A 188 9.25 3.65 1.54
N SER A 189 9.01 3.70 2.84
CA SER A 189 7.87 4.48 3.37
C SER A 189 8.18 4.85 4.82
N GLY A 190 7.17 5.37 5.51
CA GLY A 190 7.26 5.99 6.82
C GLY A 190 7.48 7.48 6.68
N ASN A 191 7.82 8.13 7.78
CA ASN A 191 7.67 9.60 7.89
C ASN A 191 8.58 10.25 6.84
N PRO A 192 8.04 10.98 5.85
CA PRO A 192 8.91 11.56 4.83
C PRO A 192 9.76 12.71 5.40
N LEU A 193 9.52 13.16 6.63
CA LEU A 193 10.38 14.18 7.30
C LEU A 193 11.56 13.50 7.98
N VAL A 194 11.62 12.19 7.97
CA VAL A 194 12.68 11.46 8.70
C VAL A 194 13.60 10.75 7.69
N GLY A 195 14.90 10.77 7.97
CA GLY A 195 15.90 9.94 7.27
C GLY A 195 16.37 10.63 6.02
N GLU A 196 17.34 10.05 5.35
CA GLU A 196 18.04 10.61 4.18
C GLU A 196 17.98 9.53 3.10
N TRP A 197 17.66 9.90 1.87
CA TRP A 197 17.76 8.94 0.74
C TRP A 197 19.10 8.18 0.75
N SER A 198 20.23 8.85 1.00
CA SER A 198 21.59 8.24 0.99
C SER A 198 21.63 7.02 1.94
N THR A 199 20.78 6.97 2.96
CA THR A 199 20.73 5.80 3.89
C THR A 199 20.11 4.59 3.18
N PHE A 200 19.11 4.81 2.32
CA PHE A 200 18.24 3.72 1.78
C PHE A 200 18.71 3.33 0.39
N LEU A 201 19.21 4.28 -0.41
CA LEU A 201 19.71 4.02 -1.77
C LEU A 201 20.54 2.74 -1.86
N PRO A 202 21.56 2.52 -1.01
CA PRO A 202 22.36 1.31 -1.13
C PRO A 202 21.65 -0.02 -0.96
N ALA A 203 20.63 -0.08 -0.10
CA ALA A 203 19.83 -1.29 0.18
C ALA A 203 18.88 -1.45 -0.98
N LEU A 204 18.31 -0.35 -1.48
CA LEU A 204 17.34 -0.43 -2.60
C LEU A 204 18.12 -0.85 -3.84
N GLN A 205 19.37 -0.40 -4.03
CA GLN A 205 20.19 -0.82 -5.19
C GLN A 205 20.44 -2.34 -5.17
N TYR A 206 20.82 -2.87 -4.02
CA TYR A 206 21.00 -4.33 -3.82
C TYR A 206 19.70 -5.10 -4.17
N ALA A 207 18.56 -4.60 -3.70
CA ALA A 207 17.24 -5.22 -4.05
C ALA A 207 17.08 -5.22 -5.57
N LYS A 208 17.26 -4.06 -6.16
CA LYS A 208 16.99 -3.95 -7.60
C LYS A 208 17.95 -4.82 -8.41
N ASP A 209 19.18 -4.91 -7.95
CA ASP A 209 20.22 -5.70 -8.66
C ASP A 209 19.89 -7.19 -8.47
N ASN A 210 19.08 -7.53 -7.47
CA ASN A 210 18.69 -8.95 -7.25
C ASN A 210 17.29 -9.20 -7.80
N ASP A 211 16.81 -8.31 -8.67
CA ASP A 211 15.60 -8.45 -9.53
C ASP A 211 14.31 -8.30 -8.71
N LEU A 212 14.40 -7.75 -7.49
CA LEU A 212 13.18 -7.34 -6.75
C LEU A 212 12.67 -6.06 -7.40
N HIS A 213 11.36 -5.90 -7.43
CA HIS A 213 10.70 -4.67 -7.92
C HIS A 213 10.65 -3.67 -6.79
N ILE A 214 10.68 -2.37 -7.11
CA ILE A 214 10.85 -1.33 -6.09
C ILE A 214 9.77 -0.29 -6.28
N THR A 215 9.07 0.05 -5.21
CA THR A 215 8.13 1.20 -5.19
C THR A 215 8.59 2.16 -4.13
N LEU A 216 8.59 3.45 -4.44
CA LEU A 216 9.02 4.46 -3.48
C LEU A 216 7.91 5.47 -3.21
N HIS A 217 7.63 5.73 -1.96
CA HIS A 217 6.90 6.95 -1.54
C HIS A 217 7.77 8.12 -1.98
N CYS A 218 7.23 9.04 -2.75
CA CYS A 218 8.04 10.12 -3.34
C CYS A 218 7.24 11.42 -3.34
N GLY A 219 7.84 12.53 -2.95
CA GLY A 219 7.19 13.86 -2.97
C GLY A 219 5.99 14.00 -2.02
N GLU A 220 5.87 13.28 -0.91
CA GLU A 220 4.79 13.52 0.09
C GLU A 220 4.95 14.89 0.77
N VAL A 221 6.18 15.40 0.87
CA VAL A 221 6.49 16.78 1.31
C VAL A 221 7.38 17.41 0.25
N PRO A 222 7.44 18.76 0.18
CA PRO A 222 8.44 19.39 -0.67
C PRO A 222 9.87 18.96 -0.30
N ASN A 223 10.60 18.48 -1.32
CA ASN A 223 12.00 18.02 -1.17
C ASN A 223 12.65 17.86 -2.52
N PRO A 224 12.98 18.95 -3.23
CA PRO A 224 13.34 18.83 -4.63
C PRO A 224 14.53 17.92 -4.89
N LYS A 225 15.56 17.92 -4.02
CA LYS A 225 16.73 17.07 -4.29
C LYS A 225 16.35 15.60 -4.08
N GLU A 226 15.52 15.32 -3.08
CA GLU A 226 15.13 13.90 -2.84
C GLU A 226 14.26 13.40 -4.00
N ILE A 227 13.34 14.22 -4.47
CA ILE A 227 12.42 13.78 -5.59
C ILE A 227 13.30 13.43 -6.77
N GLN A 228 14.19 14.33 -7.18
CA GLN A 228 15.08 14.07 -8.33
C GLN A 228 15.91 12.80 -8.08
N ALA A 229 16.45 12.57 -6.90
CA ALA A 229 17.31 11.41 -6.64
C ALA A 229 16.46 10.13 -6.73
N MET A 230 15.20 10.16 -6.31
CA MET A 230 14.36 8.94 -6.35
C MET A 230 14.01 8.64 -7.82
N LEU A 231 13.68 9.68 -8.58
CA LEU A 231 13.40 9.51 -10.02
C LEU A 231 14.65 8.98 -10.73
N ASP A 232 15.85 9.50 -10.39
CA ASP A 232 17.12 9.09 -11.06
C ASP A 232 17.40 7.62 -10.77
N PHE A 233 16.90 7.07 -9.69
CA PHE A 233 17.03 5.64 -9.33
C PHE A 233 16.19 4.73 -10.24
N LYS A 234 15.22 5.31 -10.91
CA LYS A 234 14.21 4.61 -11.77
C LYS A 234 13.64 3.43 -11.01
N PRO A 235 12.83 3.68 -9.96
CA PRO A 235 12.08 2.61 -9.31
C PRO A 235 11.01 2.14 -10.33
N HIS A 236 10.39 1.01 -10.07
CA HIS A 236 9.30 0.44 -10.92
C HIS A 236 7.98 1.17 -10.73
N ARG A 237 7.66 1.67 -9.54
CA ARG A 237 6.49 2.53 -9.24
C ARG A 237 6.89 3.60 -8.24
N ILE A 238 6.13 4.68 -8.18
CA ILE A 238 6.21 5.63 -7.04
C ILE A 238 4.82 5.86 -6.48
N GLY A 239 4.77 6.25 -5.20
CA GLY A 239 3.52 6.59 -4.51
C GLY A 239 3.46 8.10 -4.28
N HIS A 240 2.24 8.66 -4.39
CA HIS A 240 1.83 10.02 -3.92
C HIS A 240 2.21 11.08 -4.95
N ALA A 241 3.47 11.53 -4.98
CA ALA A 241 3.99 12.54 -5.94
C ALA A 241 3.30 13.89 -5.71
N CYS A 242 3.02 14.24 -4.45
CA CYS A 242 2.13 15.40 -4.12
C CYS A 242 2.87 16.72 -4.39
N PHE A 243 4.18 16.80 -4.12
CA PHE A 243 4.91 18.09 -4.23
C PHE A 243 5.96 18.06 -5.34
N PHE A 244 5.64 17.41 -6.46
CA PHE A 244 6.45 17.43 -7.69
C PHE A 244 6.38 18.86 -8.23
N LYS A 245 7.48 19.36 -8.76
CA LYS A 245 7.55 20.58 -9.60
C LYS A 245 7.56 20.18 -11.08
N ASP A 246 7.54 21.16 -11.99
CA ASP A 246 7.45 20.89 -13.45
C ASP A 246 8.64 20.03 -13.91
N GLU A 247 9.87 20.26 -13.39
CA GLU A 247 11.07 19.46 -13.73
C GLU A 247 10.86 17.99 -13.32
N ASP A 248 10.12 17.75 -12.25
CA ASP A 248 9.89 16.36 -11.73
C ASP A 248 8.88 15.68 -12.64
N TRP A 249 7.81 16.36 -13.03
CA TRP A 249 6.78 15.75 -13.93
C TRP A 249 7.41 15.35 -15.26
N THR A 250 8.23 16.23 -15.84
CA THR A 250 8.84 15.99 -17.15
C THR A 250 9.70 14.72 -17.10
N LYS A 251 10.53 14.55 -16.05
CA LYS A 251 11.40 13.37 -15.86
C LYS A 251 10.53 12.12 -15.65
N LEU A 252 9.50 12.21 -14.81
CA LEU A 252 8.58 11.10 -14.47
C LEU A 252 7.92 10.62 -15.76
N LYS A 253 7.43 11.55 -16.55
CA LYS A 253 6.70 11.17 -17.78
C LYS A 253 7.64 10.49 -18.79
N SER A 254 8.88 10.96 -18.87
CA SER A 254 9.93 10.45 -19.77
C SER A 254 10.37 9.06 -19.33
N PHE A 255 10.42 8.84 -18.02
CA PHE A 255 10.86 7.57 -17.42
C PHE A 255 9.73 6.54 -17.39
N ARG A 256 8.49 6.98 -17.59
CA ARG A 256 7.23 6.17 -17.60
C ARG A 256 7.05 5.38 -16.30
N ILE A 257 7.35 6.00 -15.16
CA ILE A 257 7.20 5.31 -13.86
C ILE A 257 5.76 5.50 -13.41
N PRO A 258 4.96 4.41 -13.27
CA PRO A 258 3.57 4.54 -12.81
C PRO A 258 3.47 5.13 -11.40
N VAL A 259 2.41 5.89 -11.18
CA VAL A 259 2.14 6.56 -9.88
C VAL A 259 0.93 5.89 -9.22
N GLU A 260 1.17 5.40 -8.01
CA GLU A 260 0.12 5.01 -7.04
C GLU A 260 -0.52 6.29 -6.51
N ILE A 261 -1.76 6.51 -6.90
CA ILE A 261 -2.59 7.70 -6.58
C ILE A 261 -3.45 7.37 -5.36
N CYS A 262 -3.33 8.18 -4.32
CA CYS A 262 -4.00 7.99 -3.01
C CYS A 262 -4.90 9.21 -2.71
N LEU A 263 -6.09 9.27 -3.34
CA LEU A 263 -6.94 10.50 -3.37
C LEU A 263 -7.40 10.87 -1.95
N THR A 264 -8.10 9.98 -1.24
CA THR A 264 -8.61 10.33 0.10
C THR A 264 -7.42 10.65 1.02
N SER A 265 -6.45 9.75 1.10
CA SER A 265 -5.22 9.99 1.88
C SER A 265 -4.71 11.43 1.64
N ASN A 266 -4.48 11.81 0.40
CA ASN A 266 -3.78 13.10 0.07
C ASN A 266 -4.63 14.31 0.52
N ILE A 267 -5.95 14.19 0.39
CA ILE A 267 -6.89 15.26 0.86
C ILE A 267 -6.87 15.32 2.39
N VAL A 268 -6.93 14.17 3.07
CA VAL A 268 -7.07 14.17 4.54
C VAL A 268 -5.80 14.77 5.15
N THR A 269 -4.60 14.39 4.64
CA THR A 269 -3.28 14.76 5.21
C THR A 269 -2.96 16.22 4.85
N LYS A 270 -3.79 16.85 4.00
CA LYS A 270 -3.62 18.26 3.49
C LYS A 270 -2.41 18.31 2.54
N SER A 271 -2.05 17.17 1.92
CA SER A 271 -0.95 17.09 0.92
C SER A 271 -1.41 17.65 -0.43
N ILE A 272 -2.70 17.51 -0.77
CA ILE A 272 -3.33 18.08 -1.99
C ILE A 272 -4.61 18.79 -1.52
N SER A 273 -4.84 20.04 -1.90
CA SER A 273 -5.89 20.87 -1.25
C SER A 273 -7.27 20.45 -1.73
N SER A 274 -7.40 19.82 -2.88
CA SER A 274 -8.73 19.32 -3.37
C SER A 274 -8.56 18.24 -4.46
N ILE A 275 -9.56 17.38 -4.61
CA ILE A 275 -9.62 16.34 -5.69
C ILE A 275 -9.60 17.04 -7.04
N ASP A 276 -10.19 18.22 -7.12
CA ASP A 276 -10.39 18.93 -8.40
C ASP A 276 -9.08 19.57 -8.86
N ILE A 277 -8.02 19.62 -8.03
CA ILE A 277 -6.68 20.03 -8.54
C ILE A 277 -5.70 18.88 -8.44
N HIS A 278 -6.13 17.71 -8.01
CA HIS A 278 -5.19 16.59 -7.84
C HIS A 278 -4.50 16.25 -9.17
N HIS A 279 -3.19 15.95 -9.13
CA HIS A 279 -2.36 15.66 -10.31
C HIS A 279 -2.88 14.41 -11.05
N PHE A 280 -3.73 13.59 -10.45
CA PHE A 280 -4.13 12.34 -11.12
C PHE A 280 -4.84 12.73 -12.42
N ALA A 281 -5.50 13.89 -12.47
CA ALA A 281 -6.18 14.31 -13.72
C ALA A 281 -5.13 14.70 -14.77
N ASP A 282 -4.06 15.43 -14.41
CA ASP A 282 -3.00 15.79 -15.40
C ASP A 282 -2.38 14.50 -15.97
N LEU A 283 -2.09 13.53 -15.09
CA LEU A 283 -1.49 12.24 -15.54
C LEU A 283 -2.45 11.51 -16.46
N TYR A 284 -3.73 11.41 -16.10
CA TYR A 284 -4.74 10.70 -16.92
C TYR A 284 -4.73 11.34 -18.31
N ASN A 285 -4.78 12.66 -18.36
CA ASN A 285 -4.92 13.39 -19.65
C ASN A 285 -3.64 13.21 -20.50
N ALA A 286 -2.48 13.14 -19.85
CA ALA A 286 -1.16 12.99 -20.49
C ALA A 286 -0.89 11.54 -20.88
N LYS A 287 -1.77 10.64 -20.48
CA LYS A 287 -1.68 9.17 -20.73
C LYS A 287 -0.44 8.61 -20.05
N HIS A 288 -0.16 9.10 -18.85
CA HIS A 288 0.91 8.57 -18.00
C HIS A 288 0.29 7.49 -17.11
N PRO A 289 0.90 6.30 -16.90
CA PRO A 289 0.25 5.26 -16.10
C PRO A 289 0.07 5.71 -14.64
N LEU A 290 -1.14 5.48 -14.13
CA LEU A 290 -1.50 5.70 -12.71
C LEU A 290 -2.42 4.57 -12.23
N ILE A 291 -2.43 4.35 -10.93
CA ILE A 291 -3.24 3.27 -10.30
C ILE A 291 -3.87 3.90 -9.08
N LEU A 292 -5.19 3.90 -9.02
CA LEU A 292 -5.94 4.35 -7.81
C LEU A 292 -5.73 3.33 -6.70
N CYS A 293 -5.26 3.79 -5.55
CA CYS A 293 -4.92 2.97 -4.35
C CYS A 293 -5.55 3.55 -3.09
N THR A 294 -5.80 2.69 -2.08
CA THR A 294 -6.36 3.11 -0.77
C THR A 294 -5.30 3.75 0.14
N ASN A 295 -4.06 3.24 0.11
CA ASN A 295 -2.96 3.66 0.99
C ASN A 295 -3.18 3.05 2.38
N ASP A 296 -4.19 3.57 3.11
CA ASP A 296 -4.54 3.02 4.44
C ASP A 296 -6.05 3.09 4.60
N PHE A 297 -6.79 2.06 4.17
CA PHE A 297 -8.28 2.25 4.09
C PHE A 297 -8.86 2.31 5.52
N GLY A 298 -8.18 1.78 6.52
CA GLY A 298 -8.59 1.85 7.94
C GLY A 298 -8.42 3.24 8.49
N VAL A 299 -7.17 3.74 8.49
CA VAL A 299 -6.78 5.10 8.93
C VAL A 299 -7.64 6.17 8.27
N PHE A 300 -7.92 6.09 6.96
CA PHE A 300 -8.57 7.16 6.17
C PHE A 300 -10.04 6.86 5.89
N SER A 301 -10.60 5.79 6.48
CA SER A 301 -12.06 5.48 6.40
C SER A 301 -12.51 5.50 4.96
N THR A 302 -11.93 4.64 4.13
CA THR A 302 -12.30 4.55 2.71
C THR A 302 -12.26 3.09 2.32
N SER A 303 -12.32 2.87 1.02
CA SER A 303 -12.35 1.56 0.36
C SER A 303 -11.91 1.79 -1.08
N LEU A 304 -11.41 0.77 -1.78
CA LEU A 304 -10.90 0.99 -3.15
C LEU A 304 -12.09 1.37 -4.05
N SER A 305 -13.27 0.82 -3.79
CA SER A 305 -14.48 1.21 -4.58
C SER A 305 -14.73 2.70 -4.42
N ASN A 306 -14.55 3.23 -3.20
CA ASN A 306 -14.81 4.66 -2.91
C ASN A 306 -13.76 5.51 -3.67
N GLU A 307 -12.48 5.11 -3.63
CA GLU A 307 -11.40 5.80 -4.39
C GLU A 307 -11.85 5.90 -5.85
N TYR A 308 -12.32 4.81 -6.45
CA TYR A 308 -12.83 4.79 -7.85
C TYR A 308 -14.00 5.77 -8.00
N ALA A 309 -14.94 5.74 -7.08
CA ALA A 309 -16.09 6.68 -7.09
C ALA A 309 -15.60 8.14 -7.12
N LEU A 310 -14.66 8.51 -6.24
CA LEU A 310 -14.16 9.91 -6.16
C LEU A 310 -13.48 10.33 -7.48
N ALA A 311 -12.72 9.42 -8.10
CA ALA A 311 -12.02 9.67 -9.39
C ALA A 311 -13.03 9.78 -10.53
N VAL A 312 -13.98 8.86 -10.56
CA VAL A 312 -15.03 8.80 -11.62
C VAL A 312 -15.80 10.13 -11.65
N ARG A 313 -16.27 10.63 -10.51
CA ARG A 313 -17.02 11.90 -10.46
C ARG A 313 -16.11 13.08 -10.82
N SER A 314 -14.86 13.09 -10.32
CA SER A 314 -13.94 14.22 -10.54
C SER A 314 -13.56 14.32 -12.02
N LEU A 315 -13.28 13.20 -12.69
CA LEU A 315 -12.87 13.19 -14.12
C LEU A 315 -14.07 13.06 -15.06
N GLY A 316 -15.26 12.76 -14.55
CA GLY A 316 -16.44 12.50 -15.39
C GLY A 316 -16.21 11.30 -16.30
N LEU A 317 -15.73 10.17 -15.76
CA LEU A 317 -15.40 8.98 -16.59
C LEU A 317 -16.70 8.23 -16.86
N SER A 318 -16.82 7.67 -18.05
CA SER A 318 -17.85 6.66 -18.41
C SER A 318 -17.47 5.33 -17.73
N LYS A 319 -18.41 4.38 -17.73
CA LYS A 319 -18.18 2.97 -17.30
C LYS A 319 -16.99 2.40 -18.09
N SER A 320 -17.00 2.59 -19.41
CA SER A 320 -15.98 2.05 -20.34
C SER A 320 -14.60 2.64 -20.04
N GLU A 321 -14.50 3.95 -19.89
CA GLU A 321 -13.21 4.63 -19.58
C GLU A 321 -12.67 4.13 -18.24
N THR A 322 -13.57 3.92 -17.28
CA THR A 322 -13.26 3.52 -15.90
C THR A 322 -12.72 2.10 -15.93
N PHE A 323 -13.42 1.21 -16.62
CA PHE A 323 -12.96 -0.19 -16.84
C PHE A 323 -11.56 -0.18 -17.44
N ALA A 324 -11.26 0.68 -18.42
CA ALA A 324 -9.98 0.63 -19.16
C ALA A 324 -8.86 1.07 -18.20
N LEU A 325 -9.17 2.03 -17.33
CA LEU A 325 -8.18 2.55 -16.35
C LEU A 325 -7.85 1.42 -15.36
N ALA A 326 -8.87 0.73 -14.87
CA ALA A 326 -8.69 -0.40 -13.91
C ALA A 326 -7.80 -1.46 -14.56
N ARG A 327 -8.11 -1.85 -15.79
CA ARG A 327 -7.36 -2.89 -16.54
C ARG A 327 -5.90 -2.47 -16.75
N ALA A 328 -5.66 -1.19 -17.00
CA ALA A 328 -4.30 -0.69 -17.31
C ALA A 328 -3.36 -1.00 -16.12
N ALA A 329 -3.88 -1.26 -14.92
CA ALA A 329 -2.98 -1.49 -13.73
C ALA A 329 -2.24 -2.81 -13.86
N ILE A 330 -2.69 -3.71 -14.74
CA ILE A 330 -2.13 -5.08 -14.80
C ILE A 330 -0.64 -4.98 -15.09
N ASP A 331 -0.20 -4.10 -16.01
CA ASP A 331 1.24 -4.08 -16.40
C ASP A 331 2.03 -3.29 -15.35
N ALA A 332 1.39 -2.68 -14.37
CA ALA A 332 2.09 -2.01 -13.24
C ALA A 332 2.24 -2.96 -12.06
N THR A 333 1.61 -4.14 -12.10
CA THR A 333 1.86 -5.15 -11.03
C THR A 333 3.30 -5.64 -11.05
N PHE A 334 3.77 -6.17 -9.91
CA PHE A 334 5.08 -6.83 -9.80
C PHE A 334 4.90 -8.34 -9.90
N ALA A 335 3.76 -8.81 -10.41
CA ALA A 335 3.43 -10.25 -10.50
C ALA A 335 4.22 -10.88 -11.65
N GLU A 336 4.43 -12.20 -11.61
CA GLU A 336 5.02 -12.96 -12.73
C GLU A 336 4.04 -12.93 -13.92
N ASP A 337 4.57 -13.14 -15.12
CA ASP A 337 3.78 -12.96 -16.37
C ASP A 337 2.53 -13.87 -16.34
N GLU A 338 2.64 -15.06 -15.78
CA GLU A 338 1.56 -16.07 -15.65
C GLU A 338 0.34 -15.43 -14.97
N VAL A 339 0.58 -14.66 -13.91
CA VAL A 339 -0.49 -14.03 -13.09
C VAL A 339 -1.07 -12.89 -13.91
N LYS A 340 -0.25 -12.12 -14.61
CA LYS A 340 -0.73 -10.95 -15.38
C LYS A 340 -1.62 -11.51 -16.49
N GLN A 341 -1.27 -12.68 -17.01
CA GLN A 341 -2.11 -13.34 -18.04
C GLN A 341 -3.46 -13.77 -17.45
N GLN A 342 -3.46 -14.32 -16.25
CA GLN A 342 -4.74 -14.61 -15.52
C GLN A 342 -5.55 -13.33 -15.31
N LEU A 343 -4.89 -12.21 -14.97
CA LEU A 343 -5.66 -10.96 -14.75
C LEU A 343 -6.26 -10.50 -16.09
N ARG A 344 -5.53 -10.66 -17.19
CA ARG A 344 -6.03 -10.23 -18.51
C ARG A 344 -7.32 -11.02 -18.84
N PHE A 345 -7.34 -12.31 -18.50
CA PHE A 345 -8.50 -13.21 -18.69
C PHE A 345 -9.69 -12.71 -17.86
N ILE A 346 -9.44 -12.39 -16.59
CA ILE A 346 -10.44 -11.87 -15.61
C ILE A 346 -11.01 -10.56 -16.15
N PHE A 347 -10.19 -9.62 -16.62
CA PHE A 347 -10.72 -8.33 -17.13
C PHE A 347 -11.54 -8.51 -18.42
N ASP A 348 -11.02 -9.30 -19.36
CA ASP A 348 -11.69 -9.57 -20.67
C ASP A 348 -13.07 -10.16 -20.43
N SER A 349 -13.20 -11.10 -19.48
CA SER A 349 -14.48 -11.75 -19.10
C SER A 349 -15.50 -10.67 -18.68
N ALA A 350 -15.07 -9.66 -17.92
CA ALA A 350 -15.95 -8.61 -17.35
C ALA A 350 -16.20 -7.45 -18.34
N SER A 351 -15.38 -7.27 -19.38
CA SER A 351 -15.42 -6.01 -20.16
C SER A 351 -16.84 -5.72 -20.65
N PRO A 352 -17.56 -6.67 -21.31
CA PRO A 352 -18.93 -6.43 -21.81
C PRO A 352 -19.95 -5.81 -20.82
N GLU A 353 -19.68 -5.90 -19.52
CA GLU A 353 -20.58 -5.39 -18.47
C GLU A 353 -20.28 -3.92 -18.17
N HIS A 354 -19.21 -3.39 -18.75
CA HIS A 354 -18.81 -1.98 -18.50
C HIS A 354 -18.89 -1.20 -19.81
N VAL A 355 -20.07 -0.59 -20.01
CA VAL A 355 -20.56 0.28 -21.11
C VAL A 355 -19.41 0.77 -21.98
#